data_5GWQ
#
_entry.id   5GWQ
#
loop_
_entity.id
_entity.type
_entity.pdbx_description
1 polymer "DNA (5'-D(*TP*TP*TP*AP*TP*TP*TP*A)-3')"
2 non-polymer 'SODIUM ION'
#
_entity_poly.entity_id   1
_entity_poly.type   'polydeoxyribonucleotide'
_entity_poly.pdbx_seq_one_letter_code
;(DT)(DT)(DT)(DA)(DT)(DT)(DT)(DA)
;
_entity_poly.pdbx_strand_id   A
#
loop_
_chem_comp.id
_chem_comp.type
_chem_comp.name
_chem_comp.formula
DA DNA linking 2'-DEOXYADENOSINE-5'-MONOPHOSPHATE 'C10 H14 N5 O6 P'
DT DNA linking THYMIDINE-5'-MONOPHOSPHATE 'C10 H15 N2 O8 P'
NA non-polymer 'SODIUM ION' 'Na 1'
#
# COMPACT_ATOMS: atom_id res chain seq x y z
NA NA B . -3.38 -6.15 5.25
NA NA C . -0.94 9.86 -3.04
NA NA D . 5.05 -4.16 -6.74
NA NA E . 2.80 4.18 3.75
NA NA F . 0.64 6.62 -4.32
NA NA G . -0.55 -6.51 1.39
NA NA H . -1.64 -3.30 3.65
NA NA B . -0.46 -6.37 1.71
NA NA C . -1.00 9.74 -2.83
NA NA D . 4.79 -4.62 -7.05
NA NA E . -0.29 -2.79 3.57
NA NA F . 0.58 6.50 -4.25
NA NA G . -6.02 -8.33 1.64
NA NA H . 1.11 4.97 7.19
NA NA B . -2.85 -4.85 5.12
NA NA C . -0.72 9.36 -2.99
NA NA D . 4.61 -4.62 -7.23
NA NA E . 2.54 3.88 3.94
NA NA F . 0.75 6.22 -4.49
NA NA G . -0.01 -6.58 1.22
NA NA H . -0.90 -2.81 3.38
NA NA B . -0.57 -7.30 -0.44
NA NA C . 0.92 6.45 -4.60
NA NA D . 5.07 -4.33 -7.31
NA NA E . 2.11 3.38 4.00
NA NA F . -0.60 9.70 -2.90
NA NA G . -1.12 -5.34 2.67
NA NA H . -4.42 -3.73 8.79
NA NA B . 3.05 -6.24 1.04
NA NA C . 0.73 6.42 -4.50
NA NA D . 4.85 -4.49 -7.34
NA NA E . 2.46 3.70 3.83
NA NA F . -0.56 9.52 -2.89
NA NA G . -6.33 -5.67 0.39
NA NA H . -2.99 -5.61 5.16
NA NA B . -0.52 -7.01 1.15
NA NA C . 2.04 3.44 4.12
NA NA D . 1.72 -5.61 -4.95
NA NA E . -4.83 -3.57 8.91
NA NA F . -0.62 9.71 -2.72
NA NA G . -6.72 -7.14 0.79
NA NA H . 0.78 6.45 -4.14
NA NA B . -1.03 -6.63 1.13
NA NA C . -0.83 9.73 -2.93
NA NA D . 5.90 -3.63 -6.77
NA NA E . 2.59 3.79 3.86
NA NA F . 0.58 6.43 -4.29
NA NA G . -4.20 -3.50 8.14
NA NA H . -2.06 -3.18 2.72
NA NA B . -4.45 -3.32 8.27
NA NA C . -0.49 9.82 -3.15
NA NA D . 5.33 -3.88 -6.98
NA NA E . 2.50 0.92 4.33
NA NA F . 0.52 6.34 -4.26
NA NA G . -0.96 -6.90 1.03
NA NA H . -1.68 -3.70 3.17
NA NA B . 0.22 -5.25 2.08
NA NA C . 0.75 6.45 -4.38
NA NA D . 2.46 -5.58 -4.34
NA NA E . 2.47 3.30 3.78
NA NA F . -0.41 9.54 -2.67
NA NA G . -6.07 -2.46 9.05
NA NA H . -3.44 -2.12 1.18
NA NA B . -1.17 -6.34 2.08
NA NA C . 0.75 6.48 -4.23
NA NA D . 5.24 -3.94 -7.36
NA NA E . 2.13 3.46 4.12
NA NA F . -0.76 9.70 -2.69
NA NA G . -5.77 -3.11 8.99
NA NA H . -3.13 -2.52 0.71
NA NA B . -0.99 -6.78 1.39
NA NA C . 0.38 6.41 -4.18
NA NA D . 5.33 -3.88 -6.57
NA NA E . -6.38 -8.71 1.84
NA NA F . -0.82 9.93 -3.36
NA NA G . 2.88 4.24 3.43
NA NA H . -1.14 -3.26 4.00
NA NA B . -0.96 -6.83 1.28
NA NA C . 0.38 6.25 -4.22
NA NA D . 5.95 -3.36 -6.85
NA NA E . 2.64 3.82 3.64
NA NA F . -0.84 9.76 -3.15
NA NA G . -1.60 -3.52 3.16
NA NA H . -3.45 -2.17 8.54
NA NA B . 3.13 -3.15 1.69
NA NA C . 0.30 6.16 -4.06
NA NA D . 5.78 -3.58 -7.23
NA NA E . -0.32 -6.79 1.54
NA NA F . -0.81 9.66 -3.01
NA NA G . 2.52 3.81 3.82
NA NA H . -2.80 -3.39 5.21
NA NA B . -5.24 -8.06 2.50
NA NA C . -0.85 9.64 -2.40
NA NA D . 2.14 -5.45 -4.71
NA NA E . 3.17 3.29 3.75
NA NA F . 0.59 6.56 -4.33
NA NA G . -3.33 -3.36 5.54
NA NA H . 2.73 -4.02 1.03
NA NA B . -3.09 -3.53 5.37
NA NA C . 0.66 6.44 -4.30
NA NA D . 5.09 -4.27 -7.43
NA NA E . 2.33 3.43 4.00
NA NA F . -0.84 9.59 -2.69
NA NA G . -0.06 -6.43 1.83
NA NA H . 2.96 -3.71 1.35
NA NA B . -6.49 -5.35 1.64
NA NA C . 0.48 6.01 -3.75
NA NA D . 1.59 -5.67 -5.29
NA NA E . 2.59 3.79 4.01
NA NA F . -0.23 9.64 -3.08
NA NA G . -1.73 -2.06 7.36
NA NA H . -1.00 -7.80 0.26
NA NA B . -6.00 -8.36 1.53
NA NA C . -0.98 9.70 -3.00
NA NA D . 5.56 -4.05 -6.73
NA NA E . 3.11 4.13 3.98
NA NA F . 0.80 6.56 -4.62
NA NA G . -1.50 -4.28 3.18
NA NA H . -1.61 -0.33 1.83
NA NA B . -6.02 -8.73 1.17
NA NA C . 2.81 4.72 3.94
NA NA D . 4.79 -4.26 -7.43
NA NA E . -2.44 -0.70 1.43
NA NA F . 0.28 9.40 -3.37
NA NA G . -1.28 -7.59 0.64
NA NA H . -1.23 -5.14 3.31
NA NA B . -0.85 -2.65 3.88
NA NA C . 2.69 4.07 3.84
NA NA D . 0.76 6.40 -4.55
NA NA E . -5.78 -9.10 1.40
NA NA F . -0.27 9.69 -3.10
NA NA G . 5.00 -4.39 -6.49
NA NA H . -0.49 -6.46 1.26
NA NA B . -5.79 -2.59 9.10
NA NA C . 0.87 6.40 -4.49
NA NA D . 5.03 -4.11 -7.50
NA NA E . 2.46 3.53 3.81
NA NA F . -0.39 9.56 -2.89
NA NA G . -0.78 -5.22 2.67
NA NA H . -2.96 -2.37 1.06
#